data_8WX8
#
_entry.id   8WX8
#
_cell.length_a   46.026
_cell.length_b   59.415
_cell.length_c   85.421
_cell.angle_alpha   90.000
_cell.angle_beta   94.830
_cell.angle_gamma   90.000
#
_symmetry.space_group_name_H-M   'P 1 21 1'
#
loop_
_entity.id
_entity.type
_entity.pdbx_description
1 polymer 'De novo design protein -T09'
2 water water
#
_entity_poly.entity_id   1
_entity_poly.type   'polypeptide(L)'
_entity_poly.pdbx_seq_one_letter_code
;GIEIVLAVSSSVDRKDVVDIINYINEKGIDVWLWLDADKVEEAIELIEEAVKAGVKGIVLRTKKLKLEDIKKIIDILNKY
GVHLLIDTELEEEEIRAIVDLAGPERTTIGLKYDLGEKRERLIRTAVELGVRVLLTDVTDRAQAARGLALAGDRLELLLD
VDRTALADLRATLALAAKNPKVGLYLRVSRVDLAARVRAVAAEVADPKRLAFVLDAKNAAEAKALIDALLEHHHHHH
;
_entity_poly.pdbx_strand_id   A,B
#
# COMPACT_ATOMS: atom_id res chain seq x y z
N ILE A 2 18.99 13.00 14.49
CA ILE A 2 17.57 13.02 14.82
C ILE A 2 17.05 14.45 14.83
N GLU A 3 15.72 14.59 14.90
CA GLU A 3 15.07 15.88 15.06
C GLU A 3 14.10 15.81 16.22
N ILE A 4 13.97 16.93 16.95
CA ILE A 4 13.07 17.02 18.09
C ILE A 4 11.97 18.02 17.74
N VAL A 5 10.72 17.61 17.97
CA VAL A 5 9.55 18.46 17.79
C VAL A 5 8.99 18.80 19.15
N LEU A 6 8.80 20.09 19.41
CA LEU A 6 8.18 20.56 20.65
C LEU A 6 6.71 20.86 20.37
N ALA A 7 5.83 20.07 20.97
CA ALA A 7 4.39 20.25 20.83
C ALA A 7 3.89 21.06 22.02
N VAL A 8 3.41 22.27 21.77
CA VAL A 8 2.98 23.18 22.80
C VAL A 8 1.67 23.84 22.40
N SER A 9 0.91 24.27 23.40
CA SER A 9 -0.19 25.20 23.18
C SER A 9 0.36 26.61 23.01
N SER A 10 -0.45 27.50 22.46
CA SER A 10 0.01 28.87 22.28
C SER A 10 0.26 29.57 23.61
N SER A 11 -0.30 29.05 24.70
CA SER A 11 -0.22 29.70 26.00
C SER A 11 0.96 29.23 26.85
N VAL A 12 1.84 28.38 26.30
CA VAL A 12 3.00 27.96 27.07
C VAL A 12 3.85 29.17 27.36
N ASP A 13 4.39 29.23 28.58
CA ASP A 13 5.32 30.30 28.92
C ASP A 13 6.42 30.37 27.87
N ARG A 14 6.48 31.49 27.15
CA ARG A 14 7.40 31.62 26.04
C ARG A 14 8.85 31.46 26.48
N LYS A 15 9.15 31.72 27.75
CA LYS A 15 10.51 31.56 28.24
C LYS A 15 10.98 30.11 28.11
N ASP A 16 10.20 29.17 28.65
CA ASP A 16 10.64 27.77 28.71
C ASP A 16 10.92 27.20 27.33
N VAL A 17 10.08 27.54 26.34
CA VAL A 17 10.28 27.05 24.99
C VAL A 17 11.62 27.52 24.45
N VAL A 18 12.02 28.74 24.79
CA VAL A 18 13.26 29.30 24.27
C VAL A 18 14.48 28.54 24.82
N ASP A 19 14.48 28.25 26.12
CA ASP A 19 15.60 27.48 26.68
C ASP A 19 15.67 26.09 26.07
N ILE A 20 14.51 25.46 25.85
CA ILE A 20 14.50 24.14 25.22
C ILE A 20 15.03 24.24 23.79
N ILE A 21 14.57 25.25 23.04
CA ILE A 21 15.10 25.46 21.69
C ILE A 21 16.61 25.74 21.76
N ASN A 22 17.02 26.55 22.74
CA ASN A 22 18.45 26.83 22.91
C ASN A 22 19.21 25.55 23.27
N TYR A 23 18.67 24.76 24.19
CA TYR A 23 19.34 23.53 24.61
C TYR A 23 19.49 22.55 23.44
N ILE A 24 18.44 22.38 22.64
CA ILE A 24 18.51 21.46 21.51
C ILE A 24 19.48 21.97 20.46
N ASN A 25 19.44 23.28 20.15
CA ASN A 25 20.36 23.83 19.17
C ASN A 25 21.81 23.77 19.67
N GLU A 26 22.02 23.86 20.98
CA GLU A 26 23.37 23.76 21.53
C GLU A 26 23.98 22.39 21.25
N LYS A 27 23.16 21.37 21.06
CA LYS A 27 23.62 20.04 20.70
C LYS A 27 23.68 19.83 19.19
N GLY A 28 23.45 20.89 18.41
CA GLY A 28 23.48 20.77 16.96
C GLY A 28 22.38 19.90 16.40
N ILE A 29 21.17 20.01 16.94
CA ILE A 29 20.03 19.19 16.54
C ILE A 29 18.90 20.10 16.09
N ASP A 30 18.27 19.75 14.97
CA ASP A 30 17.12 20.51 14.50
C ASP A 30 15.97 20.42 15.49
N VAL A 31 15.36 21.56 15.78
CA VAL A 31 14.20 21.63 16.66
C VAL A 31 13.05 22.27 15.90
N TRP A 32 11.88 21.66 15.95
CA TRP A 32 10.66 22.16 15.33
C TRP A 32 9.65 22.50 16.41
N LEU A 33 8.73 23.41 16.06
CA LEU A 33 7.66 23.81 16.96
C LEU A 33 6.32 23.42 16.35
N TRP A 34 5.56 22.61 17.09
CA TRP A 34 4.16 22.32 16.77
C TRP A 34 3.31 23.15 17.71
N LEU A 35 2.69 24.19 17.18
CA LEU A 35 2.01 25.20 18.00
C LEU A 35 0.51 25.06 17.83
N ASP A 36 -0.21 24.96 18.94
CA ASP A 36 -1.66 24.97 18.93
C ASP A 36 -2.15 26.42 18.88
N ALA A 37 -2.95 26.75 17.87
CA ALA A 37 -3.47 28.11 17.71
C ALA A 37 -4.70 28.33 18.60
N ASP A 38 -4.46 28.24 19.91
CA ASP A 38 -5.55 28.42 20.85
C ASP A 38 -5.96 29.89 20.94
N LYS A 39 -4.98 30.79 20.94
CA LYS A 39 -5.24 32.22 20.79
C LYS A 39 -4.27 32.76 19.74
N VAL A 40 -4.80 33.53 18.78
CA VAL A 40 -4.02 33.91 17.61
C VAL A 40 -2.89 34.87 17.99
N GLU A 41 -3.18 35.86 18.83
CA GLU A 41 -2.20 36.90 19.13
C GLU A 41 -0.98 36.32 19.83
N GLU A 42 -1.19 35.45 20.82
CA GLU A 42 -0.09 34.79 21.51
C GLU A 42 0.61 33.77 20.63
N ALA A 43 -0.11 33.19 19.67
CA ALA A 43 0.52 32.28 18.72
C ALA A 43 1.55 33.00 17.85
N ILE A 44 1.22 34.22 17.40
CA ILE A 44 2.17 34.99 16.61
C ILE A 44 3.38 35.37 17.44
N GLU A 45 3.16 35.73 18.72
CA GLU A 45 4.27 36.08 19.59
C GLU A 45 5.21 34.89 19.79
N LEU A 46 4.66 33.69 19.96
CA LEU A 46 5.49 32.50 20.05
C LEU A 46 6.24 32.24 18.74
N ILE A 47 5.56 32.42 17.61
CA ILE A 47 6.20 32.17 16.32
C ILE A 47 7.41 33.07 16.15
N GLU A 48 7.26 34.36 16.46
CA GLU A 48 8.38 35.28 16.36
C GLU A 48 9.50 34.91 17.33
N GLU A 49 9.15 34.58 18.58
CA GLU A 49 10.15 34.17 19.55
C GLU A 49 10.87 32.90 19.10
N ALA A 50 10.10 31.92 18.63
CA ALA A 50 10.71 30.66 18.19
C ALA A 50 11.63 30.88 17.00
N VAL A 51 11.21 31.74 16.06
CA VAL A 51 12.04 32.03 14.89
C VAL A 51 13.37 32.65 15.33
N LYS A 52 13.31 33.61 16.24
CA LYS A 52 14.53 34.29 16.67
C LYS A 52 15.45 33.36 17.47
N ALA A 53 14.88 32.42 18.22
CA ALA A 53 15.66 31.45 18.96
C ALA A 53 16.35 30.43 18.06
N GLY A 54 16.04 30.42 16.77
CA GLY A 54 16.67 29.54 15.83
C GLY A 54 15.92 28.26 15.52
N VAL A 55 14.59 28.26 15.61
CA VAL A 55 13.83 27.06 15.34
C VAL A 55 13.98 26.69 13.87
N LYS A 56 14.09 25.38 13.61
CA LYS A 56 14.22 24.89 12.24
C LYS A 56 12.94 25.16 11.44
N GLY A 57 11.79 24.96 12.06
CA GLY A 57 10.53 25.18 11.38
C GLY A 57 9.39 25.19 12.38
N ILE A 58 8.21 25.57 11.90
CA ILE A 58 7.04 25.74 12.74
C ILE A 58 5.83 25.14 12.04
N VAL A 59 5.06 24.32 12.75
CA VAL A 59 3.77 23.82 12.28
C VAL A 59 2.68 24.40 13.17
N LEU A 60 1.70 25.05 12.54
CA LEU A 60 0.59 25.68 13.24
C LEU A 60 -0.63 24.74 13.21
N ARG A 61 -0.96 24.17 14.37
CA ARG A 61 -2.21 23.43 14.50
C ARG A 61 -3.37 24.42 14.51
N THR A 62 -4.17 24.43 13.45
CA THR A 62 -5.14 25.50 13.27
C THR A 62 -6.23 25.50 14.34
N LYS A 63 -6.55 24.31 14.89
CA LYS A 63 -7.51 24.17 15.98
C LYS A 63 -8.85 24.73 15.52
N LYS A 64 -9.43 25.72 16.20
CA LYS A 64 -10.73 26.25 15.86
C LYS A 64 -10.68 27.43 14.89
N LEU A 65 -9.49 27.76 14.40
CA LEU A 65 -9.36 28.86 13.44
C LEU A 65 -10.00 28.48 12.11
N LYS A 66 -10.88 29.35 11.61
CA LYS A 66 -11.55 29.13 10.33
C LYS A 66 -10.72 29.75 9.21
N LEU A 67 -11.27 29.72 7.99
CA LEU A 67 -10.55 30.31 6.86
C LEU A 67 -10.35 31.80 7.04
N GLU A 68 -11.37 32.49 7.54
CA GLU A 68 -11.27 33.94 7.71
C GLU A 68 -10.17 34.31 8.69
N ASP A 69 -10.04 33.55 9.78
CA ASP A 69 -8.99 33.83 10.76
C ASP A 69 -7.60 33.67 10.15
N ILE A 70 -7.40 32.60 9.38
CA ILE A 70 -6.10 32.37 8.75
C ILE A 70 -5.81 33.43 7.70
N LYS A 71 -6.84 33.97 7.07
CA LYS A 71 -6.65 35.00 6.06
C LYS A 71 -6.00 36.25 6.65
N LYS A 72 -6.42 36.64 7.86
CA LYS A 72 -5.91 37.85 8.48
C LYS A 72 -4.44 37.76 8.85
N ILE A 73 -3.88 36.55 8.92
CA ILE A 73 -2.50 36.35 9.35
C ILE A 73 -1.68 35.59 8.31
N ILE A 74 -2.20 35.44 7.09
CA ILE A 74 -1.50 34.62 6.10
C ILE A 74 -0.15 35.24 5.74
N ASP A 75 -0.08 36.57 5.69
CA ASP A 75 1.19 37.23 5.41
C ASP A 75 2.21 36.94 6.51
N ILE A 76 1.77 36.97 7.77
CA ILE A 76 2.67 36.63 8.88
C ILE A 76 3.09 35.17 8.79
N LEU A 77 2.13 34.27 8.50
CA LEU A 77 2.46 32.85 8.37
C LEU A 77 3.46 32.62 7.25
N ASN A 78 3.29 33.33 6.12
CA ASN A 78 4.18 33.14 4.99
C ASN A 78 5.57 33.68 5.28
N LYS A 79 5.66 34.88 5.85
CA LYS A 79 6.96 35.48 6.10
C LYS A 79 7.79 34.64 7.07
N TYR A 80 7.13 33.90 7.95
CA TYR A 80 7.81 33.02 8.90
C TYR A 80 7.80 31.56 8.46
N GLY A 81 7.28 31.27 7.27
CA GLY A 81 7.32 29.92 6.71
C GLY A 81 6.58 28.88 7.53
N VAL A 82 5.41 29.22 8.05
CA VAL A 82 4.69 28.34 8.94
C VAL A 82 3.92 27.29 8.14
N HIS A 83 4.09 26.03 8.51
CA HIS A 83 3.28 24.94 7.96
C HIS A 83 1.97 24.83 8.72
N LEU A 84 0.88 24.53 8.00
CA LEU A 84 -0.45 24.47 8.58
C LEU A 84 -0.87 23.02 8.80
N LEU A 85 -1.35 22.72 10.01
CA LEU A 85 -1.88 21.42 10.37
C LEU A 85 -3.34 21.61 10.77
N ILE A 86 -4.26 21.19 9.91
CA ILE A 86 -5.70 21.35 10.15
C ILE A 86 -6.21 20.19 11.00
N ASP A 87 -7.01 20.52 12.01
CA ASP A 87 -7.43 19.57 13.04
C ASP A 87 -8.59 18.68 12.62
N THR A 88 -9.11 18.83 11.40
CA THR A 88 -10.19 18.00 10.85
C THR A 88 -11.47 18.08 11.68
N GLU A 89 -11.72 19.20 12.33
CA GLU A 89 -13.03 19.49 12.89
C GLU A 89 -13.91 20.27 11.93
N LEU A 90 -13.37 20.66 10.78
CA LEU A 90 -14.08 21.43 9.77
C LEU A 90 -14.47 20.55 8.60
N GLU A 91 -15.29 21.10 7.71
CA GLU A 91 -15.81 20.37 6.57
C GLU A 91 -14.88 20.49 5.37
N GLU A 92 -15.09 19.60 4.40
CA GLU A 92 -14.20 19.52 3.23
C GLU A 92 -14.17 20.85 2.47
N GLU A 93 -15.24 21.63 2.52
CA GLU A 93 -15.22 22.96 1.91
C GLU A 93 -14.19 23.84 2.58
N GLU A 94 -14.09 23.78 3.91
CA GLU A 94 -13.15 24.64 4.64
C GLU A 94 -11.72 24.15 4.48
N ILE A 95 -11.51 22.83 4.51
CA ILE A 95 -10.15 22.29 4.35
C ILE A 95 -9.62 22.62 2.96
N ARG A 96 -10.47 22.46 1.93
CA ARG A 96 -10.04 22.80 0.58
C ARG A 96 -9.70 24.28 0.46
N ALA A 97 -10.46 25.14 1.13
CA ALA A 97 -10.17 26.57 1.10
C ALA A 97 -8.81 26.87 1.70
N ILE A 98 -8.48 26.25 2.84
CA ILE A 98 -7.18 26.48 3.46
C ILE A 98 -6.06 25.94 2.58
N VAL A 99 -6.26 24.73 2.02
CA VAL A 99 -5.23 24.14 1.17
C VAL A 99 -5.00 25.01 -0.07
N ASP A 100 -6.08 25.51 -0.67
CA ASP A 100 -5.94 26.43 -1.80
C ASP A 100 -5.23 27.70 -1.40
N LEU A 101 -5.42 28.16 -0.16
CA LEU A 101 -4.81 29.42 0.27
C LEU A 101 -3.31 29.27 0.51
N ALA A 102 -2.88 28.15 1.12
CA ALA A 102 -1.49 27.99 1.51
C ALA A 102 -0.68 27.11 0.55
N GLY A 103 -1.33 26.29 -0.25
CA GLY A 103 -0.63 25.35 -1.09
C GLY A 103 -0.60 23.97 -0.47
N PRO A 104 -0.71 22.93 -1.31
CA PRO A 104 -0.76 21.56 -0.77
C PRO A 104 0.50 21.17 -0.01
N GLU A 105 1.65 21.73 -0.35
CA GLU A 105 2.90 21.32 0.26
C GLU A 105 3.20 22.07 1.55
N ARG A 106 2.35 23.01 1.97
CA ARG A 106 2.48 23.66 3.25
C ARG A 106 1.30 23.34 4.17
N THR A 107 0.57 22.27 3.85
CA THR A 107 -0.65 21.90 4.56
C THR A 107 -0.63 20.42 4.86
N THR A 108 -1.07 20.05 6.06
CA THR A 108 -1.18 18.66 6.47
C THR A 108 -2.52 18.44 7.14
N ILE A 109 -3.20 17.36 6.77
CA ILE A 109 -4.46 16.97 7.39
C ILE A 109 -4.14 16.13 8.62
N GLY A 110 -4.66 16.53 9.78
CA GLY A 110 -4.37 15.83 11.01
C GLY A 110 -5.60 15.28 11.70
N LEU A 111 -5.58 13.99 12.04
CA LEU A 111 -6.71 13.36 12.70
C LEU A 111 -6.23 12.17 13.52
N LYS A 112 -6.86 11.96 14.67
CA LYS A 112 -6.59 10.76 15.44
C LYS A 112 -7.09 9.53 14.69
N TYR A 113 -6.34 8.43 14.79
CA TYR A 113 -6.77 7.21 14.13
C TYR A 113 -8.08 6.68 14.69
N ASP A 114 -8.38 6.99 15.96
CA ASP A 114 -9.55 6.46 16.65
C ASP A 114 -10.86 6.83 15.98
N LEU A 115 -10.85 7.66 14.94
CA LEU A 115 -12.06 7.97 14.19
C LEU A 115 -12.47 6.77 13.35
N GLY A 116 -13.76 6.73 13.01
CA GLY A 116 -14.30 5.64 12.21
C GLY A 116 -14.30 5.94 10.72
N GLU A 117 -15.49 5.96 10.12
CA GLU A 117 -15.60 6.29 8.71
C GLU A 117 -15.16 7.72 8.43
N LYS A 118 -15.34 8.62 9.41
CA LYS A 118 -14.88 10.00 9.25
C LYS A 118 -13.38 10.06 9.04
N ARG A 119 -12.63 9.10 9.58
CA ARG A 119 -11.21 9.02 9.29
C ARG A 119 -10.96 8.73 7.81
N GLU A 120 -11.73 7.81 7.23
CA GLU A 120 -11.52 7.42 5.84
C GLU A 120 -11.94 8.53 4.87
N ARG A 121 -12.96 9.31 5.22
CA ARG A 121 -13.41 10.38 4.33
C ARG A 121 -12.33 11.44 4.15
N LEU A 122 -11.64 11.79 5.22
CA LEU A 122 -10.62 12.84 5.13
C LEU A 122 -9.38 12.36 4.39
N ILE A 123 -9.03 11.08 4.51
CA ILE A 123 -7.84 10.58 3.84
C ILE A 123 -8.00 10.64 2.33
N ARG A 124 -9.17 10.24 1.82
CA ARG A 124 -9.38 10.24 0.37
C ARG A 124 -9.29 11.64 -0.21
N THR A 125 -9.90 12.61 0.46
CA THR A 125 -9.84 13.99 -0.02
C THR A 125 -8.40 14.52 0.03
N ALA A 126 -7.68 14.23 1.11
CA ALA A 126 -6.30 14.68 1.23
C ALA A 126 -5.41 14.05 0.15
N VAL A 127 -5.63 12.76 -0.12
CA VAL A 127 -4.84 12.08 -1.15
C VAL A 127 -5.09 12.70 -2.52
N GLU A 128 -6.35 13.02 -2.82
CA GLU A 128 -6.66 13.67 -4.09
C GLU A 128 -5.99 15.04 -4.18
N LEU A 129 -5.97 15.79 -3.08
CA LEU A 129 -5.35 17.11 -3.06
C LEU A 129 -3.83 17.05 -2.97
N GLY A 130 -3.24 15.87 -2.77
CA GLY A 130 -1.81 15.80 -2.56
C GLY A 130 -1.35 16.29 -1.21
N VAL A 131 -2.28 16.49 -0.28
CA VAL A 131 -1.95 16.96 1.07
C VAL A 131 -1.53 15.76 1.92
N ARG A 132 -0.45 15.94 2.68
CA ARG A 132 -0.06 14.91 3.63
C ARG A 132 -1.11 14.77 4.72
N VAL A 133 -1.34 13.54 5.17
CA VAL A 133 -2.33 13.25 6.20
C VAL A 133 -1.62 12.59 7.38
N LEU A 134 -1.80 13.17 8.57
CA LEU A 134 -1.15 12.69 9.78
C LEU A 134 -2.15 11.94 10.64
N LEU A 135 -1.86 10.67 10.93
CA LEU A 135 -2.65 9.87 11.84
C LEU A 135 -1.94 9.86 13.20
N THR A 136 -2.64 10.32 14.23
CA THR A 136 -2.07 10.42 15.57
C THR A 136 -2.66 9.34 16.47
N ASP A 137 -2.09 9.23 17.67
CA ASP A 137 -2.51 8.25 18.67
C ASP A 137 -2.47 6.82 18.09
N VAL A 138 -1.44 6.54 17.30
CA VAL A 138 -1.24 5.22 16.74
C VAL A 138 -0.48 4.37 17.74
N THR A 139 -0.95 3.14 17.95
CA THR A 139 -0.30 2.19 18.85
C THR A 139 -0.10 0.80 18.27
N ASP A 140 -0.85 0.40 17.24
CA ASP A 140 -0.77 -0.94 16.67
C ASP A 140 -0.24 -0.90 15.24
N ARG A 141 0.44 -1.98 14.85
CA ARG A 141 0.91 -2.11 13.48
C ARG A 141 -0.27 -2.14 12.50
N ALA A 142 -1.40 -2.71 12.93
CA ALA A 142 -2.57 -2.76 12.06
C ALA A 142 -3.05 -1.36 11.69
N GLN A 143 -2.99 -0.42 12.65
CA GLN A 143 -3.35 0.96 12.34
C GLN A 143 -2.40 1.57 11.33
N ALA A 144 -1.09 1.34 11.51
CA ALA A 144 -0.11 1.88 10.58
C ALA A 144 -0.26 1.28 9.19
N ALA A 145 -0.47 -0.03 9.11
CA ALA A 145 -0.64 -0.69 7.81
C ALA A 145 -1.87 -0.17 7.09
N ARG A 146 -2.98 0.02 7.83
CA ARG A 146 -4.18 0.56 7.20
C ARG A 146 -3.98 2.00 6.73
N GLY A 147 -3.28 2.81 7.53
CA GLY A 147 -3.00 4.17 7.11
C GLY A 147 -2.16 4.21 5.84
N LEU A 148 -1.18 3.32 5.74
CA LEU A 148 -0.39 3.22 4.52
C LEU A 148 -1.25 2.81 3.33
N ALA A 149 -2.20 1.90 3.55
CA ALA A 149 -3.07 1.46 2.47
C ALA A 149 -3.93 2.61 1.95
N LEU A 150 -4.54 3.37 2.86
CA LEU A 150 -5.47 4.42 2.45
C LEU A 150 -4.73 5.67 1.96
N ALA A 151 -3.59 5.98 2.57
CA ALA A 151 -2.91 7.25 2.30
C ALA A 151 -1.66 7.11 1.45
N GLY A 152 -1.10 5.92 1.33
CA GLY A 152 0.12 5.75 0.56
C GLY A 152 1.24 6.61 1.09
N ASP A 153 1.90 7.32 0.19
CA ASP A 153 3.08 8.09 0.53
C ASP A 153 2.74 9.48 1.07
N ARG A 154 1.47 9.83 1.15
CA ARG A 154 1.03 11.00 1.90
C ARG A 154 0.94 10.73 3.39
N LEU A 155 1.13 9.49 3.81
CA LEU A 155 0.94 9.12 5.21
C LEU A 155 1.98 9.75 6.11
N GLU A 156 1.53 10.21 7.27
CA GLU A 156 2.41 10.51 8.39
C GLU A 156 1.81 9.83 9.62
N LEU A 157 2.68 9.28 10.46
CA LEU A 157 2.25 8.56 11.66
C LEU A 157 2.82 9.24 12.90
N LEU A 158 1.96 9.52 13.86
CA LEU A 158 2.38 9.95 15.19
C LEU A 158 2.19 8.76 16.14
N LEU A 159 3.30 8.15 16.52
CA LEU A 159 3.28 6.92 17.30
C LEU A 159 3.35 7.24 18.79
N ASP A 160 2.39 6.73 19.55
CA ASP A 160 2.36 6.92 21.00
C ASP A 160 3.26 5.87 21.63
N VAL A 161 4.52 6.25 21.84
CA VAL A 161 5.56 5.29 22.24
C VAL A 161 5.21 4.64 23.58
N ASP A 162 4.80 5.44 24.55
CA ASP A 162 4.56 4.91 25.89
C ASP A 162 3.35 3.98 25.95
N ARG A 163 2.53 3.95 24.91
CA ARG A 163 1.37 3.05 24.84
C ARG A 163 1.49 2.05 23.70
N THR A 164 2.71 1.77 23.24
CA THR A 164 2.96 0.88 22.11
C THR A 164 3.77 -0.32 22.58
N ALA A 165 3.22 -1.52 22.36
CA ALA A 165 3.93 -2.74 22.73
C ALA A 165 5.14 -2.97 21.82
N LEU A 166 6.03 -3.86 22.27
CA LEU A 166 7.29 -4.06 21.57
C LEU A 166 7.09 -4.56 20.15
N ALA A 167 6.18 -5.52 19.96
CA ALA A 167 5.95 -6.06 18.62
C ALA A 167 5.43 -4.99 17.66
N ASP A 168 4.47 -4.17 18.12
CA ASP A 168 3.95 -3.11 17.28
C ASP A 168 5.00 -2.04 17.00
N LEU A 169 5.81 -1.72 18.00
CA LEU A 169 6.85 -0.72 17.81
C LEU A 169 7.85 -1.17 16.74
N ARG A 170 8.27 -2.44 16.80
CA ARG A 170 9.21 -2.94 15.81
C ARG A 170 8.58 -3.01 14.42
N ALA A 171 7.33 -3.44 14.34
CA ALA A 171 6.66 -3.55 13.04
C ALA A 171 6.45 -2.18 12.41
N THR A 172 6.02 -1.20 13.20
CA THR A 172 5.79 0.14 12.68
C THR A 172 7.09 0.78 12.21
N LEU A 173 8.18 0.58 12.97
CA LEU A 173 9.48 1.07 12.53
C LEU A 173 9.91 0.40 11.22
N ALA A 174 9.67 -0.90 11.11
CA ALA A 174 9.99 -1.61 9.87
C ALA A 174 9.16 -1.09 8.70
N LEU A 175 7.89 -0.78 8.95
CA LEU A 175 7.05 -0.20 7.91
C LEU A 175 7.60 1.15 7.45
N ALA A 176 8.03 1.99 8.38
CA ALA A 176 8.59 3.28 8.02
C ALA A 176 9.88 3.11 7.23
N ALA A 177 10.73 2.18 7.64
CA ALA A 177 11.97 1.92 6.91
C ALA A 177 11.69 1.41 5.51
N LYS A 178 10.67 0.56 5.36
CA LYS A 178 10.29 0.06 4.04
C LYS A 178 9.64 1.12 3.17
N ASN A 179 9.07 2.17 3.77
CA ASN A 179 8.37 3.23 3.05
C ASN A 179 8.95 4.56 3.49
N PRO A 180 10.15 4.90 3.02
CA PRO A 180 10.86 6.09 3.56
C PRO A 180 10.14 7.41 3.32
N LYS A 181 9.24 7.49 2.33
CA LYS A 181 8.49 8.73 2.15
C LYS A 181 7.46 8.93 3.25
N VAL A 182 7.11 7.88 4.00
CA VAL A 182 6.20 8.03 5.12
C VAL A 182 6.90 8.79 6.25
N GLY A 183 6.19 9.75 6.85
CA GLY A 183 6.72 10.47 7.98
C GLY A 183 6.36 9.74 9.27
N LEU A 184 7.37 9.45 10.08
CA LEU A 184 7.19 8.77 11.36
C LEU A 184 7.58 9.72 12.48
N TYR A 185 6.66 10.00 13.38
CA TYR A 185 6.91 10.83 14.55
C TYR A 185 6.67 10.01 15.81
N LEU A 186 7.61 10.08 16.75
CA LEU A 186 7.58 9.28 17.97
C LEU A 186 7.32 10.19 19.15
N ARG A 187 6.08 10.19 19.64
CA ARG A 187 5.73 10.96 20.83
C ARG A 187 6.24 10.23 22.06
N VAL A 188 7.10 10.88 22.83
CA VAL A 188 7.79 10.26 23.96
C VAL A 188 7.60 11.10 25.20
N SER A 189 7.37 10.44 26.33
CA SER A 189 7.43 11.07 27.64
C SER A 189 8.30 10.29 28.62
N ARG A 190 8.24 8.96 28.59
CA ARG A 190 9.02 8.14 29.52
C ARG A 190 10.45 8.03 29.05
N VAL A 191 11.38 8.32 29.96
CA VAL A 191 12.79 8.38 29.59
C VAL A 191 13.31 6.99 29.18
N ASP A 192 12.95 5.96 29.94
CA ASP A 192 13.43 4.61 29.64
C ASP A 192 12.86 4.11 28.31
N LEU A 193 11.58 4.38 28.05
CA LEU A 193 10.99 3.95 26.78
C LEU A 193 11.49 4.77 25.61
N ALA A 194 11.78 6.06 25.83
CA ALA A 194 12.34 6.88 24.76
C ALA A 194 13.72 6.38 24.34
N ALA A 195 14.55 6.02 25.30
CA ALA A 195 15.84 5.41 24.98
C ALA A 195 15.65 4.04 24.33
N ARG A 196 14.56 3.35 24.67
CA ARG A 196 14.31 2.04 24.09
C ARG A 196 14.07 2.12 22.58
N VAL A 197 13.34 3.15 22.12
CA VAL A 197 13.09 3.27 20.69
C VAL A 197 14.40 3.45 19.92
N ARG A 198 15.30 4.27 20.47
CA ARG A 198 16.58 4.51 19.81
C ARG A 198 17.31 3.20 19.55
N ALA A 199 17.36 2.32 20.56
CA ALA A 199 18.00 1.02 20.39
C ALA A 199 17.28 0.17 19.36
N VAL A 200 15.95 0.17 19.39
CA VAL A 200 15.18 -0.63 18.44
C VAL A 200 15.28 -0.06 17.03
N ALA A 201 15.16 1.28 16.92
CA ALA A 201 15.21 1.91 15.61
C ALA A 201 16.55 1.68 14.91
N ALA A 202 17.65 1.76 15.66
CA ALA A 202 18.97 1.54 15.07
C ALA A 202 19.12 0.13 14.52
N GLU A 203 18.37 -0.84 15.04
CA GLU A 203 18.42 -2.20 14.52
C GLU A 203 17.45 -2.44 13.39
N VAL A 204 16.34 -1.71 13.35
CA VAL A 204 15.24 -2.00 12.43
C VAL A 204 15.19 -0.98 11.30
N ALA A 205 15.60 0.25 11.59
CA ALA A 205 15.37 1.38 10.69
C ALA A 205 16.54 2.35 10.84
N ASP A 206 16.33 3.60 10.42
CA ASP A 206 17.28 4.68 10.66
C ASP A 206 18.61 4.44 9.95
N ARG A 209 15.88 9.56 9.18
CA ARG A 209 16.05 10.24 10.45
C ARG A 209 14.87 9.98 11.38
N LEU A 210 15.07 10.17 12.68
CA LEU A 210 14.04 9.97 13.68
C LEU A 210 13.54 11.31 14.19
N ALA A 211 12.23 11.51 14.15
CA ALA A 211 11.59 12.71 14.69
C ALA A 211 10.89 12.34 16.00
N PHE A 212 11.27 13.00 17.08
CA PHE A 212 10.69 12.77 18.40
C PHE A 212 9.85 13.97 18.79
N VAL A 213 8.62 13.71 19.24
CA VAL A 213 7.70 14.75 19.65
C VAL A 213 7.67 14.80 21.17
N LEU A 214 7.96 15.97 21.72
CA LEU A 214 8.11 16.18 23.15
C LEU A 214 7.15 17.27 23.61
N ASP A 215 6.68 17.15 24.84
CA ASP A 215 5.98 18.24 25.49
C ASP A 215 7.00 19.15 26.17
N ALA A 216 6.70 20.44 26.20
CA ALA A 216 7.53 21.43 26.88
C ALA A 216 6.82 21.97 28.12
N LYS A 217 6.09 21.11 28.81
CA LYS A 217 5.37 21.53 30.01
C LYS A 217 6.33 21.95 31.11
N ASN A 218 7.35 21.13 31.38
CA ASN A 218 8.40 21.48 32.31
C ASN A 218 9.74 21.40 31.60
N ALA A 219 10.58 22.42 31.79
CA ALA A 219 11.87 22.46 31.13
C ALA A 219 12.77 21.31 31.60
N ALA A 220 12.77 21.03 32.90
CA ALA A 220 13.76 20.10 33.45
C ALA A 220 13.60 18.70 32.88
N GLU A 221 12.39 18.14 32.93
CA GLU A 221 12.20 16.79 32.39
C GLU A 221 12.42 16.76 30.88
N ALA A 222 12.14 17.87 30.19
CA ALA A 222 12.40 17.91 28.76
C ALA A 222 13.90 17.84 28.45
N LYS A 223 14.73 18.51 29.25
CA LYS A 223 16.17 18.40 29.05
C LYS A 223 16.61 16.94 29.18
N ALA A 224 16.26 16.30 30.30
CA ALA A 224 16.64 14.91 30.53
C ALA A 224 16.05 13.99 29.45
N LEU A 225 14.84 14.30 28.98
CA LEU A 225 14.26 13.54 27.89
C LEU A 225 15.08 13.72 26.61
N ILE A 226 15.53 14.93 26.33
CA ILE A 226 16.39 15.17 25.17
C ILE A 226 17.70 14.41 25.32
N ASP A 227 18.26 14.39 26.53
CA ASP A 227 19.53 13.68 26.73
C ASP A 227 19.36 12.17 26.59
N ALA A 228 18.16 11.63 26.88
CA ALA A 228 17.93 10.21 26.65
C ALA A 228 18.04 9.86 25.17
N LEU A 229 17.51 10.73 24.31
CA LEU A 229 17.61 10.53 22.88
C LEU A 229 18.97 10.93 22.32
N LEU A 230 19.83 11.52 23.14
CA LEU A 230 21.17 11.97 22.74
C LEU A 230 21.10 12.99 21.61
N ILE B 2 7.09 -27.24 -15.72
CA ILE B 2 6.38 -26.51 -16.76
C ILE B 2 4.91 -26.91 -16.79
N GLU B 3 4.02 -25.93 -16.66
CA GLU B 3 2.59 -26.16 -16.73
C GLU B 3 1.97 -25.10 -17.64
N ILE B 4 0.80 -25.44 -18.19
CA ILE B 4 0.13 -24.60 -19.18
C ILE B 4 -1.24 -24.21 -18.65
N VAL B 5 -1.55 -22.91 -18.71
CA VAL B 5 -2.85 -22.37 -18.33
C VAL B 5 -3.60 -22.00 -19.59
N LEU B 6 -4.84 -22.48 -19.72
CA LEU B 6 -5.71 -22.11 -20.82
C LEU B 6 -6.66 -21.03 -20.34
N ALA B 7 -6.55 -19.84 -20.93
CA ALA B 7 -7.39 -18.69 -20.59
C ALA B 7 -8.52 -18.62 -21.62
N VAL B 8 -9.73 -18.93 -21.16
CA VAL B 8 -10.88 -19.06 -22.10
C VAL B 8 -12.09 -18.32 -21.54
N SER B 9 -13.13 -18.18 -22.36
CA SER B 9 -14.39 -17.53 -21.90
C SER B 9 -15.43 -18.61 -21.62
N SER B 10 -16.52 -18.26 -20.96
CA SER B 10 -17.61 -19.23 -20.75
C SER B 10 -18.29 -19.54 -22.08
N SER B 11 -17.90 -18.86 -23.17
CA SER B 11 -18.48 -19.15 -24.48
C SER B 11 -17.51 -19.89 -25.39
N VAL B 12 -16.40 -20.38 -24.86
CA VAL B 12 -15.41 -21.07 -25.68
C VAL B 12 -16.00 -22.37 -26.18
N ASP B 13 -15.53 -22.83 -27.34
CA ASP B 13 -15.95 -24.11 -27.89
C ASP B 13 -15.67 -25.23 -26.90
N ARG B 14 -16.72 -25.94 -26.50
CA ARG B 14 -16.58 -26.99 -25.50
C ARG B 14 -15.66 -28.11 -26.00
N LYS B 15 -15.80 -28.50 -27.27
CA LYS B 15 -14.93 -29.52 -27.81
C LYS B 15 -13.47 -29.06 -27.80
N ASP B 16 -13.21 -27.87 -28.38
CA ASP B 16 -11.84 -27.47 -28.68
C ASP B 16 -10.97 -27.43 -27.43
N VAL B 17 -11.52 -26.92 -26.33
CA VAL B 17 -10.74 -26.89 -25.09
C VAL B 17 -10.42 -28.32 -24.64
N VAL B 18 -11.36 -29.24 -24.82
CA VAL B 18 -11.12 -30.62 -24.40
C VAL B 18 -9.96 -31.25 -25.16
N ASP B 19 -9.87 -31.00 -26.48
CA ASP B 19 -8.75 -31.55 -27.24
C ASP B 19 -7.42 -31.01 -26.74
N ILE B 20 -7.36 -29.72 -26.42
CA ILE B 20 -6.11 -29.13 -25.93
C ILE B 20 -5.76 -29.70 -24.56
N ILE B 21 -6.76 -29.95 -23.72
CA ILE B 21 -6.51 -30.53 -22.40
C ILE B 21 -5.94 -31.94 -22.54
N ASN B 22 -6.53 -32.77 -23.40
CA ASN B 22 -5.98 -34.10 -23.62
C ASN B 22 -4.60 -34.04 -24.24
N TYR B 23 -4.39 -33.11 -25.18
CA TYR B 23 -3.10 -32.98 -25.84
C TYR B 23 -2.01 -32.62 -24.84
N ILE B 24 -2.29 -31.66 -23.96
CA ILE B 24 -1.33 -31.29 -22.92
C ILE B 24 -1.11 -32.45 -21.96
N ASN B 25 -2.19 -33.13 -21.55
CA ASN B 25 -2.05 -34.24 -20.62
C ASN B 25 -1.25 -35.38 -21.23
N GLU B 26 -1.37 -35.60 -22.54
CA GLU B 26 -0.62 -36.67 -23.19
C GLU B 26 0.88 -36.39 -23.20
N LYS B 27 1.28 -35.15 -22.95
CA LYS B 27 2.69 -34.80 -22.80
C LYS B 27 3.15 -34.83 -21.35
N GLY B 28 2.28 -35.26 -20.42
CA GLY B 28 2.62 -35.30 -19.01
C GLY B 28 2.80 -33.93 -18.39
N ILE B 29 1.96 -32.98 -18.75
CA ILE B 29 2.06 -31.60 -18.28
C ILE B 29 0.72 -31.22 -17.65
N ASP B 30 0.78 -30.58 -16.48
CA ASP B 30 -0.44 -30.07 -15.86
C ASP B 30 -1.05 -28.97 -16.70
N VAL B 31 -2.37 -29.03 -16.88
CA VAL B 31 -3.13 -28.00 -17.58
C VAL B 31 -4.12 -27.39 -16.61
N TRP B 32 -4.15 -26.05 -16.57
CA TRP B 32 -5.07 -25.30 -15.73
C TRP B 32 -6.02 -24.50 -16.62
N LEU B 33 -7.21 -24.23 -16.08
CA LEU B 33 -8.24 -23.48 -16.80
C LEU B 33 -8.52 -22.17 -16.08
N TRP B 34 -8.36 -21.05 -16.79
CA TRP B 34 -8.79 -19.74 -16.31
C TRP B 34 -10.07 -19.38 -17.06
N LEU B 35 -11.19 -19.33 -16.35
CA LEU B 35 -12.50 -19.18 -17.01
C LEU B 35 -13.08 -17.78 -16.83
N ASP B 36 -13.47 -17.14 -17.94
CA ASP B 36 -14.16 -15.82 -17.84
C ASP B 36 -15.63 -16.10 -17.59
N ALA B 37 -16.19 -15.57 -16.50
CA ALA B 37 -17.59 -15.89 -16.16
C ALA B 37 -18.54 -14.94 -16.87
N ASP B 38 -18.64 -15.06 -18.18
CA ASP B 38 -19.61 -14.26 -18.93
C ASP B 38 -21.03 -14.71 -18.65
N LYS B 39 -21.26 -16.03 -18.67
CA LYS B 39 -22.56 -16.61 -18.38
C LYS B 39 -22.40 -17.67 -17.30
N VAL B 40 -23.23 -17.61 -16.27
CA VAL B 40 -23.09 -18.54 -15.14
C VAL B 40 -23.35 -19.97 -15.59
N GLU B 41 -24.43 -20.18 -16.34
CA GLU B 41 -24.80 -21.54 -16.75
C GLU B 41 -23.73 -22.15 -17.66
N GLU B 42 -23.21 -21.38 -18.61
CA GLU B 42 -22.14 -21.88 -19.46
C GLU B 42 -20.85 -22.11 -18.68
N ALA B 43 -20.64 -21.36 -17.61
CA ALA B 43 -19.43 -21.51 -16.81
C ALA B 43 -19.41 -22.85 -16.09
N ILE B 44 -20.54 -23.27 -15.53
CA ILE B 44 -20.58 -24.54 -14.80
C ILE B 44 -20.31 -25.70 -15.76
N GLU B 45 -20.96 -25.70 -16.92
CA GLU B 45 -20.80 -26.80 -17.86
C GLU B 45 -19.34 -26.96 -18.28
N LEU B 46 -18.64 -25.86 -18.55
CA LEU B 46 -17.23 -25.93 -18.90
C LEU B 46 -16.40 -26.50 -17.75
N ILE B 47 -16.72 -26.11 -16.52
CA ILE B 47 -15.99 -26.62 -15.37
C ILE B 47 -16.14 -28.13 -15.27
N GLU B 48 -17.37 -28.63 -15.41
CA GLU B 48 -17.59 -30.07 -15.35
C GLU B 48 -16.88 -30.78 -16.49
N GLU B 49 -16.96 -30.23 -17.71
CA GLU B 49 -16.24 -30.82 -18.84
C GLU B 49 -14.73 -30.76 -18.64
N ALA B 50 -14.23 -29.63 -18.14
CA ALA B 50 -12.80 -29.51 -17.90
C ALA B 50 -12.32 -30.50 -16.85
N VAL B 51 -13.10 -30.67 -15.78
CA VAL B 51 -12.72 -31.60 -14.72
C VAL B 51 -12.65 -33.03 -15.26
N LYS B 52 -13.65 -33.43 -16.04
CA LYS B 52 -13.68 -34.78 -16.59
C LYS B 52 -12.53 -35.01 -17.57
N ALA B 53 -12.10 -33.97 -18.28
CA ALA B 53 -10.99 -34.13 -19.21
C ALA B 53 -9.63 -34.24 -18.53
N GLY B 54 -9.58 -34.14 -17.21
CA GLY B 54 -8.35 -34.28 -16.47
C GLY B 54 -7.64 -32.98 -16.12
N VAL B 55 -8.36 -31.86 -16.01
CA VAL B 55 -7.72 -30.59 -15.71
C VAL B 55 -7.14 -30.62 -14.30
N LYS B 56 -5.94 -30.06 -14.14
CA LYS B 56 -5.31 -30.06 -12.83
C LYS B 56 -6.01 -29.10 -11.87
N GLY B 57 -6.51 -27.98 -12.38
CA GLY B 57 -7.20 -27.02 -11.55
C GLY B 57 -7.91 -25.99 -12.41
N ILE B 58 -8.77 -25.21 -11.76
CA ILE B 58 -9.62 -24.24 -12.44
C ILE B 58 -9.64 -22.95 -11.62
N VAL B 59 -9.45 -21.82 -12.31
CA VAL B 59 -9.62 -20.50 -11.71
C VAL B 59 -10.77 -19.81 -12.42
N LEU B 60 -11.76 -19.36 -11.66
CA LEU B 60 -12.94 -18.71 -12.20
C LEU B 60 -12.83 -17.21 -12.02
N ARG B 61 -12.70 -16.48 -13.13
CA ARG B 61 -12.62 -15.00 -13.10
C ARG B 61 -14.02 -14.47 -12.83
N THR B 62 -14.25 -13.88 -11.67
CA THR B 62 -15.60 -13.47 -11.29
C THR B 62 -16.15 -12.44 -12.27
N LYS B 63 -15.35 -11.42 -12.60
CA LYS B 63 -15.70 -10.42 -13.60
C LYS B 63 -17.10 -9.86 -13.39
N LYS B 64 -18.04 -10.24 -14.27
CA LYS B 64 -19.39 -9.72 -14.19
C LYS B 64 -20.15 -10.24 -12.98
N LEU B 65 -19.80 -11.44 -12.50
CA LEU B 65 -20.55 -12.07 -11.42
C LEU B 65 -20.46 -11.26 -10.14
N LYS B 66 -21.60 -10.88 -9.60
CA LYS B 66 -21.66 -10.18 -8.33
C LYS B 66 -21.63 -11.18 -7.17
N LEU B 67 -21.58 -10.67 -5.95
CA LEU B 67 -21.50 -11.54 -4.78
C LEU B 67 -22.72 -12.45 -4.67
N GLU B 68 -23.90 -11.92 -4.97
CA GLU B 68 -25.11 -12.74 -4.95
C GLU B 68 -25.00 -13.88 -5.96
N ASP B 69 -24.42 -13.60 -7.12
CA ASP B 69 -24.19 -14.65 -8.12
C ASP B 69 -23.20 -15.69 -7.60
N ILE B 70 -22.15 -15.25 -6.90
CA ILE B 70 -21.14 -16.18 -6.41
C ILE B 70 -21.73 -17.09 -5.32
N LYS B 71 -22.45 -16.51 -4.37
CA LYS B 71 -22.99 -17.27 -3.25
C LYS B 71 -24.03 -18.30 -3.69
N LYS B 72 -24.64 -18.11 -4.85
CA LYS B 72 -25.64 -19.06 -5.34
C LYS B 72 -25.02 -20.31 -5.94
N ILE B 73 -23.74 -20.27 -6.32
CA ILE B 73 -23.06 -21.39 -6.95
C ILE B 73 -21.80 -21.78 -6.18
N ILE B 74 -21.69 -21.37 -4.91
CA ILE B 74 -20.49 -21.64 -4.13
C ILE B 74 -20.32 -23.13 -3.87
N ASP B 75 -21.43 -23.85 -3.68
CA ASP B 75 -21.34 -25.29 -3.45
C ASP B 75 -20.78 -26.00 -4.67
N ILE B 76 -21.19 -25.59 -5.87
CA ILE B 76 -20.64 -26.17 -7.09
C ILE B 76 -19.16 -25.84 -7.21
N LEU B 77 -18.80 -24.56 -6.96
CA LEU B 77 -17.40 -24.16 -7.05
C LEU B 77 -16.54 -24.89 -6.03
N ASN B 78 -17.04 -25.05 -4.81
CA ASN B 78 -16.32 -25.85 -3.82
C ASN B 78 -16.24 -27.31 -4.24
N LYS B 79 -17.32 -27.83 -4.84
CA LYS B 79 -17.35 -29.23 -5.24
C LYS B 79 -16.23 -29.56 -6.22
N TYR B 80 -15.84 -28.62 -7.07
CA TYR B 80 -14.79 -28.82 -8.06
C TYR B 80 -13.50 -28.08 -7.70
N GLY B 81 -13.37 -27.61 -6.46
CA GLY B 81 -12.15 -26.95 -6.03
C GLY B 81 -11.81 -25.70 -6.80
N VAL B 82 -12.82 -24.93 -7.20
CA VAL B 82 -12.59 -23.77 -8.05
C VAL B 82 -11.97 -22.65 -7.23
N HIS B 83 -10.86 -22.10 -7.74
CA HIS B 83 -10.21 -20.93 -7.16
C HIS B 83 -10.81 -19.67 -7.77
N LEU B 84 -11.04 -18.66 -6.94
CA LEU B 84 -11.68 -17.43 -7.36
C LEU B 84 -10.63 -16.35 -7.65
N LEU B 85 -10.72 -15.74 -8.83
CA LEU B 85 -9.90 -14.60 -9.19
C LEU B 85 -10.83 -13.40 -9.38
N ILE B 86 -10.73 -12.43 -8.48
CA ILE B 86 -11.53 -11.21 -8.57
C ILE B 86 -10.76 -10.23 -9.46
N ASP B 87 -11.18 -10.12 -10.71
CA ASP B 87 -10.57 -9.21 -11.67
C ASP B 87 -11.29 -7.87 -11.76
N THR B 88 -12.34 -7.68 -10.97
CA THR B 88 -13.12 -6.44 -10.97
C THR B 88 -12.80 -5.66 -9.71
N GLU B 89 -12.56 -4.36 -9.87
CA GLU B 89 -12.24 -3.50 -8.73
C GLU B 89 -13.49 -3.25 -7.89
N LEU B 90 -13.98 -4.27 -7.21
CA LEU B 90 -15.17 -4.16 -6.38
C LEU B 90 -14.85 -3.39 -5.11
N GLU B 91 -15.89 -3.13 -4.32
CA GLU B 91 -15.71 -2.40 -3.06
C GLU B 91 -14.95 -3.24 -2.05
N GLU B 92 -14.39 -2.55 -1.04
CA GLU B 92 -13.63 -3.22 0.00
C GLU B 92 -14.51 -4.20 0.77
N GLU B 93 -15.72 -3.79 1.15
CA GLU B 93 -16.63 -4.70 1.83
C GLU B 93 -17.01 -5.86 0.93
N GLU B 94 -17.24 -5.59 -0.36
CA GLU B 94 -17.55 -6.66 -1.30
C GLU B 94 -16.38 -7.63 -1.44
N ILE B 95 -15.15 -7.10 -1.50
CA ILE B 95 -13.98 -7.95 -1.66
C ILE B 95 -13.81 -8.87 -0.46
N ARG B 96 -13.86 -8.29 0.75
CA ARG B 96 -13.68 -9.09 1.95
C ARG B 96 -14.85 -10.03 2.20
N ALA B 97 -16.01 -9.77 1.59
CA ALA B 97 -17.13 -10.70 1.69
C ALA B 97 -16.89 -11.93 0.82
N ILE B 98 -16.33 -11.74 -0.37
CA ILE B 98 -15.96 -12.88 -1.21
C ILE B 98 -14.87 -13.69 -0.54
N VAL B 99 -13.89 -13.02 0.06
CA VAL B 99 -12.80 -13.71 0.75
C VAL B 99 -13.34 -14.54 1.91
N ASP B 100 -14.28 -13.99 2.67
CA ASP B 100 -14.93 -14.77 3.71
C ASP B 100 -15.70 -15.94 3.12
N LEU B 101 -16.30 -15.75 1.95
CA LEU B 101 -17.08 -16.81 1.31
C LEU B 101 -16.20 -17.98 0.91
N ALA B 102 -15.02 -17.72 0.34
CA ALA B 102 -14.19 -18.77 -0.23
C ALA B 102 -12.90 -19.03 0.54
N GLY B 103 -12.47 -18.12 1.40
CA GLY B 103 -11.22 -18.28 2.11
C GLY B 103 -10.10 -17.48 1.47
N PRO B 104 -9.17 -16.99 2.30
CA PRO B 104 -8.06 -16.19 1.76
C PRO B 104 -7.22 -16.93 0.74
N GLU B 105 -7.02 -18.24 0.91
CA GLU B 105 -6.14 -19.01 0.05
C GLU B 105 -6.84 -19.64 -1.13
N ARG B 106 -8.14 -19.40 -1.30
CA ARG B 106 -8.86 -19.78 -2.50
C ARG B 106 -9.30 -18.56 -3.30
N THR B 107 -8.81 -17.38 -2.96
CA THR B 107 -9.17 -16.14 -3.62
C THR B 107 -7.90 -15.41 -4.06
N THR B 108 -7.99 -14.75 -5.20
CA THR B 108 -6.93 -13.90 -5.71
C THR B 108 -7.58 -12.68 -6.33
N ILE B 109 -6.99 -11.52 -6.06
CA ILE B 109 -7.45 -10.25 -6.68
C ILE B 109 -6.52 -9.98 -7.85
N GLY B 110 -7.08 -9.71 -9.02
CA GLY B 110 -6.30 -9.40 -10.20
C GLY B 110 -6.55 -8.00 -10.72
N LEU B 111 -5.48 -7.24 -10.90
CA LEU B 111 -5.58 -5.89 -11.42
C LEU B 111 -4.48 -5.64 -12.43
N LYS B 112 -4.77 -4.78 -13.40
CA LYS B 112 -3.73 -4.32 -14.32
C LYS B 112 -2.85 -3.30 -13.61
N TYR B 113 -1.54 -3.37 -13.88
CA TYR B 113 -0.59 -2.48 -13.23
C TYR B 113 -0.57 -1.16 -13.98
N ASP B 114 -1.26 -0.15 -13.43
CA ASP B 114 -1.23 1.20 -13.96
C ASP B 114 -0.44 2.16 -13.08
N LEU B 115 0.05 1.71 -11.93
CA LEU B 115 0.89 2.51 -11.03
C LEU B 115 0.19 3.80 -10.61
N GLY B 116 -1.11 3.70 -10.32
CA GLY B 116 -1.88 4.83 -9.84
C GLY B 116 -2.07 4.78 -8.33
N GLU B 117 -2.70 5.84 -7.82
CA GLU B 117 -3.02 5.89 -6.40
C GLU B 117 -4.01 4.79 -6.03
N LYS B 118 -5.04 4.60 -6.86
CA LYS B 118 -5.98 3.50 -6.61
C LYS B 118 -5.28 2.16 -6.69
N ARG B 119 -4.42 1.98 -7.69
CA ARG B 119 -3.73 0.70 -7.86
C ARG B 119 -2.95 0.32 -6.61
N GLU B 120 -2.20 1.27 -6.04
CA GLU B 120 -1.43 0.98 -4.84
C GLU B 120 -2.33 0.66 -3.65
N ARG B 121 -3.43 1.41 -3.50
CA ARG B 121 -4.31 1.20 -2.35
C ARG B 121 -5.03 -0.15 -2.42
N LEU B 122 -5.51 -0.52 -3.61
CA LEU B 122 -6.20 -1.80 -3.75
C LEU B 122 -5.25 -2.97 -3.50
N ILE B 123 -4.00 -2.84 -3.92
CA ILE B 123 -3.01 -3.90 -3.68
C ILE B 123 -2.76 -4.06 -2.18
N ARG B 124 -2.51 -2.95 -1.49
CA ARG B 124 -2.23 -3.01 -0.05
C ARG B 124 -3.42 -3.53 0.73
N THR B 125 -4.63 -3.11 0.38
CA THR B 125 -5.81 -3.62 1.05
C THR B 125 -5.97 -5.11 0.82
N ALA B 126 -5.69 -5.57 -0.40
CA ALA B 126 -5.74 -6.99 -0.69
C ALA B 126 -4.70 -7.76 0.13
N VAL B 127 -3.48 -7.22 0.23
CA VAL B 127 -2.41 -7.90 0.96
C VAL B 127 -2.79 -8.04 2.43
N GLU B 128 -3.45 -7.03 3.00
CA GLU B 128 -3.86 -7.07 4.40
C GLU B 128 -4.79 -8.25 4.66
N LEU B 129 -5.67 -8.57 3.70
CA LEU B 129 -6.59 -9.70 3.85
C LEU B 129 -5.91 -11.05 3.65
N GLY B 130 -4.59 -11.12 3.57
CA GLY B 130 -3.91 -12.39 3.39
C GLY B 130 -4.22 -13.05 2.06
N VAL B 131 -4.58 -12.24 1.07
CA VAL B 131 -4.99 -12.75 -0.27
C VAL B 131 -3.87 -12.53 -1.29
N ARG B 132 -3.71 -13.44 -2.25
CA ARG B 132 -2.74 -13.26 -3.32
C ARG B 132 -3.19 -12.17 -4.28
N VAL B 133 -2.22 -11.47 -4.85
CA VAL B 133 -2.47 -10.36 -5.77
C VAL B 133 -1.82 -10.67 -7.10
N LEU B 134 -2.62 -10.71 -8.17
CA LEU B 134 -2.12 -10.94 -9.51
C LEU B 134 -2.08 -9.61 -10.26
N LEU B 135 -0.90 -9.21 -10.70
CA LEU B 135 -0.72 -8.00 -11.49
C LEU B 135 -0.59 -8.43 -12.96
N THR B 136 -1.51 -7.96 -13.79
CA THR B 136 -1.53 -8.32 -15.20
C THR B 136 -0.98 -7.19 -16.06
N ASP B 137 -0.74 -7.51 -17.33
CA ASP B 137 -0.21 -6.56 -18.31
C ASP B 137 1.14 -6.00 -17.87
N VAL B 138 1.94 -6.83 -17.22
CA VAL B 138 3.29 -6.44 -16.81
C VAL B 138 4.21 -6.55 -18.01
N THR B 139 4.98 -5.48 -18.27
CA THR B 139 6.00 -5.49 -19.32
C THR B 139 7.35 -4.95 -18.89
N ASP B 140 7.43 -4.17 -17.81
CA ASP B 140 8.68 -3.58 -17.36
C ASP B 140 9.14 -4.22 -16.05
N ARG B 141 10.46 -4.27 -15.88
CA ARG B 141 11.01 -4.77 -14.63
C ARG B 141 10.64 -3.88 -13.45
N ALA B 142 10.44 -2.58 -13.69
CA ALA B 142 10.07 -1.67 -12.61
C ALA B 142 8.66 -1.96 -12.11
N GLN B 143 7.76 -2.34 -13.01
CA GLN B 143 6.43 -2.75 -12.59
C GLN B 143 6.50 -3.98 -11.68
N ALA B 144 7.32 -4.96 -12.06
CA ALA B 144 7.47 -6.14 -11.23
C ALA B 144 8.12 -5.82 -9.89
N ALA B 145 9.14 -4.95 -9.90
CA ALA B 145 9.81 -4.59 -8.65
C ALA B 145 8.87 -3.88 -7.70
N ARG B 146 8.06 -2.94 -8.20
CA ARG B 146 7.10 -2.25 -7.34
C ARG B 146 6.04 -3.22 -6.81
N GLY B 147 5.63 -4.19 -7.65
CA GLY B 147 4.71 -5.20 -7.16
C GLY B 147 5.28 -5.99 -6.00
N LEU B 148 6.57 -6.34 -6.08
CA LEU B 148 7.22 -7.06 -4.98
C LEU B 148 7.23 -6.22 -3.71
N ALA B 149 7.52 -4.93 -3.83
CA ALA B 149 7.50 -4.06 -2.65
C ALA B 149 6.11 -3.98 -2.06
N LEU B 150 5.08 -3.84 -2.91
CA LEU B 150 3.72 -3.69 -2.40
C LEU B 150 3.17 -5.02 -1.88
N ALA B 151 3.41 -6.11 -2.60
CA ALA B 151 2.75 -7.38 -2.30
C ALA B 151 3.66 -8.43 -1.67
N GLY B 152 4.97 -8.35 -1.86
CA GLY B 152 5.86 -9.32 -1.27
C GLY B 152 5.58 -10.72 -1.79
N ASP B 153 5.48 -11.68 -0.86
CA ASP B 153 5.29 -13.07 -1.23
C ASP B 153 3.86 -13.39 -1.67
N ARG B 154 2.92 -12.46 -1.52
CA ARG B 154 1.58 -12.63 -2.05
C ARG B 154 1.49 -12.22 -3.51
N LEU B 155 2.58 -11.74 -4.10
CA LEU B 155 2.56 -11.23 -5.46
C LEU B 155 2.40 -12.35 -6.48
N GLU B 156 1.65 -12.06 -7.54
CA GLU B 156 1.64 -12.88 -8.75
C GLU B 156 1.77 -11.93 -9.94
N LEU B 157 2.50 -12.37 -10.95
CA LEU B 157 2.78 -11.55 -12.13
C LEU B 157 2.34 -12.27 -13.39
N LEU B 158 1.57 -11.58 -14.22
CA LEU B 158 1.19 -12.07 -15.54
C LEU B 158 1.99 -11.26 -16.56
N LEU B 159 3.07 -11.86 -17.06
CA LEU B 159 3.99 -11.19 -17.96
C LEU B 159 3.52 -11.37 -19.40
N ASP B 160 3.33 -10.26 -20.11
CA ASP B 160 2.99 -10.31 -21.53
C ASP B 160 4.28 -10.48 -22.31
N VAL B 161 4.58 -11.73 -22.68
CA VAL B 161 5.87 -12.05 -23.30
C VAL B 161 6.04 -11.30 -24.60
N ASP B 162 4.99 -11.24 -25.43
CA ASP B 162 5.09 -10.64 -26.75
C ASP B 162 5.29 -9.14 -26.72
N ARG B 163 5.10 -8.49 -25.57
CA ARG B 163 5.30 -7.05 -25.44
C ARG B 163 6.36 -6.72 -24.38
N THR B 164 7.27 -7.65 -24.12
CA THR B 164 8.29 -7.49 -23.09
C THR B 164 9.67 -7.54 -23.74
N ALA B 165 10.43 -6.46 -23.56
CA ALA B 165 11.78 -6.39 -24.11
C ALA B 165 12.71 -7.35 -23.38
N LEU B 166 13.86 -7.62 -24.00
CA LEU B 166 14.75 -8.65 -23.49
C LEU B 166 15.24 -8.35 -22.09
N ALA B 167 15.62 -7.09 -21.83
CA ALA B 167 16.11 -6.73 -20.50
C ALA B 167 15.03 -6.90 -19.45
N ASP B 168 13.80 -6.48 -19.75
CA ASP B 168 12.71 -6.64 -18.79
C ASP B 168 12.34 -8.11 -18.61
N LEU B 169 12.42 -8.89 -19.69
CA LEU B 169 12.17 -10.33 -19.58
C LEU B 169 13.16 -10.98 -18.63
N ARG B 170 14.45 -10.64 -18.74
CA ARG B 170 15.46 -11.27 -17.92
C ARG B 170 15.38 -10.81 -16.46
N ALA B 171 15.10 -9.53 -16.24
CA ALA B 171 15.04 -9.01 -14.87
C ALA B 171 13.84 -9.58 -14.13
N THR B 172 12.69 -9.69 -14.80
CA THR B 172 11.50 -10.24 -14.14
C THR B 172 11.66 -11.73 -13.88
N LEU B 173 12.29 -12.46 -14.81
CA LEU B 173 12.58 -13.87 -14.55
C LEU B 173 13.52 -14.03 -13.37
N ALA B 174 14.55 -13.17 -13.29
CA ALA B 174 15.47 -13.23 -12.15
C ALA B 174 14.76 -12.90 -10.85
N LEU B 175 13.83 -11.93 -10.89
CA LEU B 175 13.08 -11.57 -9.69
C LEU B 175 12.27 -12.75 -9.17
N ALA B 176 11.62 -13.48 -10.09
CA ALA B 176 10.87 -14.67 -9.69
C ALA B 176 11.81 -15.75 -9.15
N ALA B 177 12.98 -15.91 -9.76
CA ALA B 177 13.94 -16.88 -9.26
C ALA B 177 14.36 -16.59 -7.83
N LYS B 178 14.58 -15.32 -7.51
CA LYS B 178 14.98 -14.94 -6.16
C LYS B 178 13.81 -14.89 -5.20
N ASN B 179 12.57 -14.93 -5.67
CA ASN B 179 11.38 -14.92 -4.83
C ASN B 179 10.49 -16.09 -5.23
N PRO B 180 10.87 -17.32 -4.89
CA PRO B 180 10.15 -18.49 -5.40
C PRO B 180 8.69 -18.54 -4.99
N LYS B 181 8.33 -17.90 -3.88
CA LYS B 181 6.92 -17.86 -3.48
C LYS B 181 6.09 -16.97 -4.38
N VAL B 182 6.72 -16.08 -5.14
CA VAL B 182 6.00 -15.23 -6.07
C VAL B 182 5.65 -16.04 -7.32
N GLY B 183 4.40 -15.96 -7.76
CA GLY B 183 3.97 -16.68 -8.94
C GLY B 183 4.19 -15.86 -10.20
N LEU B 184 4.79 -16.49 -11.20
CA LEU B 184 5.07 -15.86 -12.48
C LEU B 184 4.31 -16.58 -13.57
N TYR B 185 3.47 -15.86 -14.30
CA TYR B 185 2.70 -16.39 -15.41
C TYR B 185 3.16 -15.70 -16.69
N LEU B 186 3.41 -16.49 -17.73
CA LEU B 186 3.96 -15.98 -18.98
C LEU B 186 2.90 -16.13 -20.08
N ARG B 187 2.23 -15.02 -20.39
CA ARG B 187 1.27 -15.00 -21.49
C ARG B 187 2.02 -15.02 -22.82
N VAL B 188 1.84 -16.08 -23.59
CA VAL B 188 2.57 -16.28 -24.84
C VAL B 188 1.57 -16.44 -25.97
N SER B 189 1.81 -15.73 -27.08
CA SER B 189 1.12 -15.97 -28.34
C SER B 189 2.09 -16.31 -29.47
N ARG B 190 3.12 -15.48 -29.68
CA ARG B 190 4.06 -15.71 -30.77
C ARG B 190 4.93 -16.92 -30.47
N VAL B 191 5.04 -17.82 -31.46
CA VAL B 191 5.75 -19.07 -31.24
C VAL B 191 7.25 -18.82 -31.02
N ASP B 192 7.84 -17.92 -31.80
CA ASP B 192 9.27 -17.64 -31.66
C ASP B 192 9.58 -17.02 -30.31
N LEU B 193 8.73 -16.10 -29.84
CA LEU B 193 8.98 -15.48 -28.54
C LEU B 193 8.65 -16.43 -27.39
N ALA B 194 7.67 -17.32 -27.58
CA ALA B 194 7.43 -18.35 -26.57
C ALA B 194 8.63 -19.27 -26.44
N ALA B 195 9.21 -19.67 -27.57
CA ALA B 195 10.44 -20.45 -27.52
C ALA B 195 11.58 -19.65 -26.92
N ARG B 196 11.61 -18.34 -27.20
CA ARG B 196 12.68 -17.50 -26.68
C ARG B 196 12.64 -17.41 -25.15
N VAL B 197 11.45 -17.18 -24.58
CA VAL B 197 11.37 -17.04 -23.13
C VAL B 197 11.72 -18.35 -22.44
N ARG B 198 11.37 -19.48 -23.05
CA ARG B 198 11.77 -20.78 -22.50
C ARG B 198 13.29 -20.91 -22.45
N ALA B 199 13.98 -20.46 -23.50
CA ALA B 199 15.43 -20.55 -23.53
C ALA B 199 16.07 -19.57 -22.55
N VAL B 200 15.51 -18.36 -22.42
CA VAL B 200 16.02 -17.41 -21.44
C VAL B 200 15.83 -17.93 -20.03
N ALA B 201 14.64 -18.47 -19.74
CA ALA B 201 14.35 -18.95 -18.40
C ALA B 201 15.27 -20.10 -17.99
N ALA B 202 15.69 -20.92 -18.95
CA ALA B 202 16.60 -22.01 -18.64
C ALA B 202 17.96 -21.51 -18.19
N GLU B 203 18.31 -20.26 -18.48
CA GLU B 203 19.59 -19.69 -18.09
C GLU B 203 19.51 -18.82 -16.85
N VAL B 204 18.39 -18.14 -16.62
CA VAL B 204 18.26 -17.22 -15.51
C VAL B 204 17.38 -17.74 -14.38
N ALA B 205 16.36 -18.54 -14.69
CA ALA B 205 15.41 -19.04 -13.69
C ALA B 205 15.16 -20.54 -13.89
N ASP B 206 16.24 -21.29 -14.01
CA ASP B 206 16.16 -22.75 -14.23
C ASP B 206 15.35 -23.45 -13.14
N LYS B 208 12.21 -24.06 -11.88
CA LYS B 208 11.44 -23.02 -11.20
C LYS B 208 9.95 -23.14 -11.52
N ARG B 209 9.59 -24.19 -12.25
CA ARG B 209 8.19 -24.52 -12.56
C ARG B 209 7.50 -23.37 -13.29
N LEU B 210 7.97 -23.14 -14.51
CA LEU B 210 7.38 -22.10 -15.36
C LEU B 210 5.91 -22.41 -15.65
N ALA B 211 5.11 -21.35 -15.72
CA ALA B 211 3.70 -21.46 -16.06
C ALA B 211 3.39 -20.54 -17.24
N PHE B 212 2.80 -21.11 -18.29
CA PHE B 212 2.52 -20.39 -19.52
C PHE B 212 1.01 -20.25 -19.71
N VAL B 213 0.58 -19.06 -20.12
CA VAL B 213 -0.85 -18.79 -20.33
C VAL B 213 -1.07 -18.67 -21.83
N LEU B 214 -1.99 -19.48 -22.34
CA LEU B 214 -2.34 -19.53 -23.75
C LEU B 214 -3.84 -19.31 -23.90
N ASP B 215 -4.23 -18.71 -25.02
CA ASP B 215 -5.62 -18.71 -25.37
C ASP B 215 -5.96 -20.00 -26.13
N ALA B 216 -7.24 -20.34 -26.17
CA ALA B 216 -7.71 -21.53 -26.87
C ALA B 216 -8.67 -21.16 -27.99
N LYS B 217 -8.42 -20.02 -28.66
CA LYS B 217 -9.24 -19.63 -29.78
C LYS B 217 -9.05 -20.57 -30.97
N ASN B 218 -7.82 -21.02 -31.20
CA ASN B 218 -7.50 -21.92 -32.29
C ASN B 218 -6.78 -23.14 -31.75
N ALA B 219 -7.35 -24.33 -31.99
CA ALA B 219 -6.75 -25.56 -31.48
C ALA B 219 -5.39 -25.82 -32.11
N ALA B 220 -5.30 -25.67 -33.44
CA ALA B 220 -4.05 -25.94 -34.13
C ALA B 220 -2.95 -24.97 -33.72
N GLU B 221 -3.29 -23.69 -33.55
CA GLU B 221 -2.33 -22.73 -33.05
C GLU B 221 -1.94 -23.06 -31.60
N ALA B 222 -2.90 -23.49 -30.79
CA ALA B 222 -2.58 -23.87 -29.42
C ALA B 222 -1.59 -25.03 -29.37
N LYS B 223 -1.80 -26.04 -30.22
CA LYS B 223 -0.91 -27.21 -30.21
C LYS B 223 0.50 -26.83 -30.62
N ALA B 224 0.64 -26.02 -31.67
CA ALA B 224 1.96 -25.60 -32.11
C ALA B 224 2.66 -24.77 -31.04
N LEU B 225 1.93 -23.89 -30.37
CA LEU B 225 2.51 -23.14 -29.26
C LEU B 225 2.95 -24.08 -28.15
N ILE B 226 2.13 -25.08 -27.82
CA ILE B 226 2.48 -26.04 -26.78
C ILE B 226 3.74 -26.81 -27.16
N ASP B 227 3.84 -27.22 -28.43
CA ASP B 227 5.04 -27.92 -28.88
C ASP B 227 6.27 -27.03 -28.80
N ALA B 228 6.14 -25.75 -29.17
CA ALA B 228 7.25 -24.82 -29.04
C ALA B 228 7.68 -24.63 -27.60
N LEU B 229 6.78 -24.87 -26.64
CA LEU B 229 7.15 -24.86 -25.23
C LEU B 229 7.80 -26.17 -24.79
N LEU B 230 7.89 -27.15 -25.68
CA LEU B 230 8.57 -28.42 -25.42
C LEU B 230 7.94 -29.16 -24.25
#